data_8OEG
#
_entry.id   8OEG
#
_cell.length_a   95.760
_cell.length_b   95.760
_cell.length_c   85.460
_cell.angle_alpha   90.00
_cell.angle_beta   90.00
_cell.angle_gamma   120.00
#
_symmetry.space_group_name_H-M   'P 31 2 1'
#
loop_
_entity.id
_entity.type
_entity.pdbx_description
1 polymer "cAMP-specific 3',5'-cyclic phosphodiesterase 4B"
2 non-polymer 'ZINC ION'
3 non-polymer 'MAGNESIUM ION'
4 non-polymer '[(1~{S})-2-[3,5-bis(chloranyl)-1-oxidanyl-pyridin-4-yl]-1-(3,4-dimethoxyphenyl)ethyl] 5-[[[(1~{R})-2-[[(3~{R})-1-azabicyclo[2.2.2]octan-3-yl]oxy]-2-oxidanylidene-1-phenyl-ethyl]amino]methyl]thiophene-2-carboxylate'
5 water water
#
_entity_poly.entity_id   1
_entity_poly.type   'polypeptide(L)'
_entity_poly.pdbx_seq_one_letter_code
;MSVSEMASNKFKRMLNRELTHLSEMSRSGNQVSEYISNTFLDKQNDVEIPKVTAEEAPQPMTQISGVKKLMHSSSLNNTS
ISRFGVNTENEDHLAKELEDLNKWGLNIFNVAGYSHNRPLTCIMYAIFQERDLLKTFRISSDTFITYMMTLEDHYHSDVA
YHNSLHAADVAQSTHVLLSTPALDAVFTDLEILAAIFAAAIHDVDHPGVSNQFLINTNSELALMYNDESVLENHHLAVGF
KLLQEEHCDIFMNLTKKQRQTLRKMVIDMVLATDMSKHMSLLADLKTMVETKKVTSSGVLLLDNYTDRIQVLRNMVHCAD
LSNPTKSLELYRQWTDRIMEEFFQQGDKERERGMEISPMCDKHTASVEKSQVGFIDYIVHPLWETWADLVQPDAQDILDT
LEDNRNWYQSMIPQSHHHHHH
;
_entity_poly.pdbx_strand_id   A
#
# COMPACT_ATOMS: atom_id res chain seq x y z
N THR A 79 14.43 -22.65 -11.31
CA THR A 79 14.64 -22.55 -9.82
C THR A 79 15.02 -21.15 -9.20
N SER A 80 15.39 -20.19 -10.05
CA SER A 80 15.21 -18.79 -9.64
C SER A 80 13.70 -18.64 -9.26
N ILE A 81 12.86 -19.14 -10.14
CA ILE A 81 11.44 -19.16 -9.96
C ILE A 81 11.00 -19.89 -8.63
N SER A 82 11.57 -21.05 -8.28
CA SER A 82 11.05 -21.73 -7.05
C SER A 82 11.51 -21.01 -5.82
N ARG A 83 12.69 -20.41 -5.90
CA ARG A 83 13.18 -19.69 -4.79
C ARG A 83 12.59 -18.30 -4.63
N PHE A 84 12.49 -17.58 -5.72
CA PHE A 84 12.01 -16.19 -5.61
C PHE A 84 10.69 -16.00 -6.31
N GLY A 85 10.15 -14.85 -6.24
CA GLY A 85 8.98 -14.99 -7.27
C GLY A 85 9.13 -15.49 -8.80
N VAL A 86 10.36 -15.38 -9.31
CA VAL A 86 10.61 -14.71 -10.58
C VAL A 86 11.95 -15.13 -11.13
N ASN A 87 12.16 -14.79 -12.41
CA ASN A 87 13.53 -14.74 -13.03
C ASN A 87 14.31 -13.54 -12.66
N THR A 88 15.61 -13.71 -12.50
CA THR A 88 16.49 -12.59 -11.98
C THR A 88 17.78 -12.51 -12.81
N GLU A 89 18.30 -13.70 -13.15
CA GLU A 89 19.79 -14.11 -13.11
C GLU A 89 20.64 -13.75 -11.88
N ASN A 90 20.29 -12.57 -11.26
CA ASN A 90 21.05 -11.93 -10.18
C ASN A 90 20.56 -12.41 -8.82
N GLU A 91 20.52 -13.72 -8.69
CA GLU A 91 19.98 -14.34 -7.51
C GLU A 91 20.72 -13.90 -6.28
N ASP A 92 22.02 -13.76 -6.35
CA ASP A 92 22.78 -13.37 -5.17
C ASP A 92 22.36 -12.02 -4.72
N HIS A 93 22.25 -11.04 -5.63
CA HIS A 93 21.92 -9.69 -5.20
C HIS A 93 20.49 -9.68 -4.75
N LEU A 94 19.61 -10.38 -5.44
CA LEU A 94 18.22 -10.39 -5.01
C LEU A 94 18.08 -10.92 -3.55
N ALA A 95 18.66 -12.07 -3.28
CA ALA A 95 18.71 -12.63 -1.89
C ALA A 95 19.24 -11.70 -0.85
N LYS A 96 20.30 -10.98 -1.17
CA LYS A 96 20.82 -9.96 -0.29
C LYS A 96 19.77 -8.88 0.05
N GLU A 97 19.11 -8.37 -0.97
CA GLU A 97 18.09 -7.35 -0.68
C GLU A 97 16.96 -7.90 0.22
N LEU A 98 16.52 -9.11 -0.08
CA LEU A 98 15.42 -9.81 0.63
C LEU A 98 15.81 -10.20 2.05
N GLU A 99 17.10 -10.11 2.43
CA GLU A 99 17.47 -10.12 3.84
C GLU A 99 16.82 -9.03 4.62
N ASP A 100 16.38 -7.93 3.99
CA ASP A 100 15.75 -6.86 4.72
C ASP A 100 14.22 -6.99 4.68
N LEU A 101 13.68 -8.15 4.25
CA LEU A 101 12.21 -8.34 4.15
C LEU A 101 11.35 -7.87 5.34
N ASN A 102 11.87 -8.09 6.56
CA ASN A 102 11.11 -7.79 7.66
C ASN A 102 11.47 -6.35 8.22
N LYS A 103 12.12 -5.49 7.47
CA LYS A 103 12.57 -4.25 8.01
C LYS A 103 11.94 -3.12 7.23
N TRP A 104 11.77 -2.03 7.92
CA TRP A 104 11.26 -0.81 7.29
C TRP A 104 12.19 -0.26 6.30
N GLY A 105 13.50 -0.43 6.55
CA GLY A 105 14.53 -0.07 5.65
C GLY A 105 14.85 -0.93 4.41
N LEU A 106 14.01 -1.92 4.06
CA LEU A 106 14.10 -2.61 2.73
C LEU A 106 14.06 -1.62 1.57
N ASN A 107 14.88 -1.86 0.55
CA ASN A 107 14.92 -0.99 -0.64
C ASN A 107 14.25 -1.64 -1.84
N ILE A 108 12.98 -1.31 -2.06
CA ILE A 108 12.17 -1.93 -3.09
C ILE A 108 12.66 -1.61 -4.52
N PHE A 109 13.32 -0.45 -4.68
CA PHE A 109 13.85 -0.07 -5.99
C PHE A 109 14.94 -1.12 -6.35
N ASN A 110 15.74 -1.55 -5.39
CA ASN A 110 16.74 -2.60 -5.62
C ASN A 110 16.12 -3.97 -5.91
N VAL A 111 15.09 -4.34 -5.19
CA VAL A 111 14.31 -5.49 -5.52
C VAL A 111 13.78 -5.50 -6.95
N ALA A 112 13.25 -4.38 -7.42
CA ALA A 112 12.80 -4.28 -8.79
C ALA A 112 13.99 -4.44 -9.74
N GLY A 113 15.08 -3.81 -9.46
CA GLY A 113 16.22 -3.96 -10.37
C GLY A 113 16.69 -5.41 -10.50
N TYR A 114 16.65 -6.21 -9.42
CA TYR A 114 17.16 -7.56 -9.44
C TYR A 114 16.14 -8.64 -9.70
N SER A 115 14.93 -8.25 -10.02
CA SER A 115 13.79 -9.21 -10.23
C SER A 115 13.23 -9.07 -11.67
N HIS A 116 14.03 -8.51 -12.58
CA HIS A 116 13.53 -8.19 -13.92
C HIS A 116 12.29 -7.32 -13.88
N ASN A 117 12.31 -6.37 -12.98
CA ASN A 117 11.17 -5.51 -12.79
C ASN A 117 9.89 -6.20 -12.42
N ARG A 118 9.98 -7.23 -11.59
CA ARG A 118 8.74 -7.77 -10.97
C ARG A 118 8.77 -7.66 -9.46
N PRO A 119 8.80 -6.41 -8.95
CA PRO A 119 8.95 -6.31 -7.54
C PRO A 119 7.71 -6.84 -6.82
N LEU A 120 6.52 -6.71 -7.43
CA LEU A 120 5.34 -7.07 -6.69
C LEU A 120 5.27 -8.65 -6.53
N THR A 121 5.53 -9.39 -7.61
CA THR A 121 5.52 -10.84 -7.59
C THR A 121 6.63 -11.33 -6.62
N CYS A 122 7.80 -10.73 -6.74
CA CYS A 122 8.90 -11.11 -5.90
C CYS A 122 8.64 -10.91 -4.41
N ILE A 123 8.19 -9.70 -4.07
CA ILE A 123 7.97 -9.40 -2.67
C ILE A 123 6.83 -10.18 -2.02
N MET A 124 5.79 -10.45 -2.83
CA MET A 124 4.62 -11.15 -2.32
C MET A 124 5.05 -12.58 -2.10
N TYR A 125 5.76 -13.14 -3.06
CA TYR A 125 6.24 -14.52 -2.84
C TYR A 125 7.08 -14.61 -1.55
N ALA A 126 8.01 -13.68 -1.40
CA ALA A 126 8.91 -13.71 -0.18
C ALA A 126 8.04 -13.57 1.13
N ILE A 127 7.04 -12.70 1.12
CA ILE A 127 6.19 -12.49 2.28
C ILE A 127 5.41 -13.74 2.62
N PHE A 128 4.81 -14.32 1.58
CA PHE A 128 4.02 -15.45 1.73
C PHE A 128 4.88 -16.60 2.21
N GLN A 129 6.10 -16.79 1.71
CA GLN A 129 6.94 -17.89 2.28
C GLN A 129 7.31 -17.56 3.73
N GLU A 130 7.72 -16.32 3.99
CA GLU A 130 8.13 -15.92 5.34
C GLU A 130 7.03 -16.17 6.38
N ARG A 131 5.76 -15.91 6.03
CA ARG A 131 4.67 -16.13 6.89
C ARG A 131 4.01 -17.51 6.81
N ASP A 132 4.54 -18.40 5.98
CA ASP A 132 3.95 -19.71 5.77
C ASP A 132 2.50 -19.76 5.26
N LEU A 133 2.11 -18.76 4.53
CA LEU A 133 0.72 -18.58 4.15
C LEU A 133 0.38 -19.56 3.07
N LEU A 134 1.37 -19.94 2.24
CA LEU A 134 1.04 -20.89 1.13
C LEU A 134 0.67 -22.23 1.72
N LYS A 135 1.36 -22.60 2.77
CA LYS A 135 1.07 -23.88 3.44
C LYS A 135 -0.30 -23.73 4.21
N THR A 136 -0.48 -22.65 4.95
CA THR A 136 -1.63 -22.54 5.80
C THR A 136 -2.88 -22.57 4.93
N PHE A 137 -2.87 -21.91 3.76
CA PHE A 137 -4.09 -21.78 3.01
C PHE A 137 -4.13 -22.74 1.81
N ARG A 138 -3.22 -23.72 1.77
CA ARG A 138 -3.09 -24.68 0.70
C ARG A 138 -3.10 -24.06 -0.70
N ILE A 139 -2.22 -23.09 -0.86
CA ILE A 139 -2.03 -22.37 -2.12
C ILE A 139 -0.79 -22.95 -2.78
N SER A 140 -0.88 -23.58 -3.97
CA SER A 140 0.33 -24.08 -4.58
C SER A 140 1.19 -22.86 -5.07
N SER A 141 2.49 -23.06 -5.08
CA SER A 141 3.39 -22.11 -5.61
C SER A 141 3.03 -21.60 -6.98
N ASP A 142 2.68 -22.54 -7.83
CA ASP A 142 2.37 -22.19 -9.19
C ASP A 142 1.10 -21.36 -9.32
N THR A 143 0.05 -21.69 -8.54
CA THR A 143 -1.16 -20.82 -8.51
C THR A 143 -0.82 -19.43 -8.07
N PHE A 144 -0.04 -19.34 -7.01
CA PHE A 144 0.39 -18.03 -6.49
C PHE A 144 1.16 -17.15 -7.48
N ILE A 145 2.18 -17.74 -8.09
CA ILE A 145 2.99 -17.03 -9.03
C ILE A 145 2.18 -16.64 -10.24
N THR A 146 1.32 -17.54 -10.73
CA THR A 146 0.51 -17.20 -11.91
C THR A 146 -0.35 -16.03 -11.58
N TYR A 147 -1.02 -16.09 -10.43
CA TYR A 147 -1.87 -14.95 -10.01
C TYR A 147 -1.08 -13.63 -9.86
N MET A 148 0.04 -13.70 -9.15
CA MET A 148 0.84 -12.46 -8.91
C MET A 148 1.39 -11.84 -10.16
N MET A 149 1.69 -12.62 -11.15
CA MET A 149 2.33 -12.14 -12.36
C MET A 149 1.25 -11.48 -13.16
N THR A 150 0.06 -12.11 -13.14
CA THR A 150 -1.09 -11.47 -13.81
C THR A 150 -1.49 -10.14 -13.17
N LEU A 151 -1.66 -10.15 -11.87
CA LEU A 151 -1.91 -8.88 -11.14
C LEU A 151 -0.88 -7.80 -11.44
N GLU A 152 0.38 -8.18 -11.36
CA GLU A 152 1.47 -7.27 -11.69
C GLU A 152 1.43 -6.68 -13.14
N ASP A 153 1.07 -7.50 -14.12
CA ASP A 153 0.89 -7.12 -15.50
C ASP A 153 -0.24 -6.12 -15.62
N HIS A 154 -1.17 -6.07 -14.68
CA HIS A 154 -2.25 -5.09 -14.71
C HIS A 154 -1.98 -3.76 -14.07
N TYR A 155 -0.80 -3.63 -13.45
CA TYR A 155 -0.25 -2.37 -13.06
C TYR A 155 0.41 -1.70 -14.29
N HIS A 156 0.15 -0.45 -14.55
CA HIS A 156 0.64 0.14 -15.80
C HIS A 156 2.13 0.61 -15.59
N SER A 157 3.02 0.19 -16.47
CA SER A 157 4.37 0.51 -16.24
C SER A 157 4.65 1.88 -16.85
N ASP A 158 3.76 2.50 -17.61
CA ASP A 158 4.02 3.82 -18.04
C ASP A 158 3.43 4.88 -17.05
N VAL A 159 2.90 4.53 -15.91
CA VAL A 159 2.41 5.53 -14.87
C VAL A 159 3.57 5.68 -13.88
N ALA A 160 3.93 6.92 -13.54
CA ALA A 160 5.19 7.18 -12.80
C ALA A 160 5.18 6.69 -11.40
N TYR A 161 4.08 6.84 -10.68
CA TYR A 161 3.98 6.40 -9.30
C TYR A 161 3.12 5.21 -9.02
N HIS A 162 1.88 5.25 -9.52
CA HIS A 162 0.89 4.17 -9.24
C HIS A 162 1.08 2.94 -10.14
N ASN A 163 2.27 2.33 -10.00
CA ASN A 163 2.71 1.17 -10.78
C ASN A 163 3.04 0.04 -9.79
N SER A 164 3.50 -1.08 -10.27
CA SER A 164 3.65 -2.22 -9.35
C SER A 164 4.75 -2.02 -8.28
N LEU A 165 5.64 -1.09 -8.52
CA LEU A 165 6.65 -0.74 -7.45
C LEU A 165 5.98 -0.19 -6.17
N HIS A 166 5.00 0.70 -6.40
CA HIS A 166 4.22 1.26 -5.25
C HIS A 166 3.43 0.13 -4.53
N ALA A 167 2.82 -0.73 -5.29
CA ALA A 167 2.06 -1.83 -4.73
C ALA A 167 2.98 -2.71 -3.92
N ALA A 168 4.17 -3.03 -4.44
CA ALA A 168 5.10 -3.87 -3.73
C ALA A 168 5.53 -3.21 -2.45
N ASP A 169 5.75 -1.92 -2.53
CA ASP A 169 6.14 -1.17 -1.29
C ASP A 169 5.05 -1.18 -0.18
N VAL A 170 3.79 -1.00 -0.55
CA VAL A 170 2.73 -0.97 0.42
C VAL A 170 2.60 -2.42 0.98
N ALA A 171 2.70 -3.41 0.12
CA ALA A 171 2.58 -4.81 0.59
C ALA A 171 3.66 -5.03 1.64
N GLN A 172 4.88 -4.67 1.29
CA GLN A 172 6.05 -4.97 2.18
C GLN A 172 5.91 -4.16 3.44
N SER A 173 5.46 -2.88 3.32
CA SER A 173 5.25 -2.09 4.51
C SER A 173 4.14 -2.61 5.42
N THR A 174 3.07 -3.18 4.84
CA THR A 174 2.00 -3.73 5.61
C THR A 174 2.54 -4.99 6.33
N HIS A 175 3.31 -5.74 5.61
CA HIS A 175 3.95 -6.96 6.21
C HIS A 175 4.76 -6.56 7.48
N VAL A 176 5.49 -5.49 7.40
CA VAL A 176 6.26 -5.01 8.53
C VAL A 176 5.34 -4.48 9.69
N LEU A 177 4.32 -3.68 9.36
CA LEU A 177 3.37 -3.20 10.35
C LEU A 177 2.66 -4.33 11.08
N LEU A 178 2.31 -5.39 10.34
CA LEU A 178 1.64 -6.49 10.95
C LEU A 178 2.49 -7.20 12.03
N SER A 179 3.81 -7.09 11.96
CA SER A 179 4.69 -7.66 12.97
C SER A 179 5.05 -6.68 14.06
N THR A 180 4.48 -5.48 14.11
CA THR A 180 4.65 -4.58 15.26
C THR A 180 4.46 -5.38 16.56
N PRO A 181 5.37 -5.25 17.56
CA PRO A 181 5.28 -6.06 18.78
C PRO A 181 3.98 -5.94 19.55
N ALA A 182 3.39 -4.79 19.56
CA ALA A 182 2.13 -4.60 20.23
C ALA A 182 0.96 -5.29 19.45
N LEU A 183 1.10 -5.69 18.20
CA LEU A 183 0.07 -6.38 17.46
C LEU A 183 0.36 -7.93 17.25
N ASP A 184 1.32 -8.42 18.05
CA ASP A 184 1.70 -9.86 18.17
C ASP A 184 0.56 -10.79 18.52
N ALA A 185 0.33 -11.67 17.61
CA ALA A 185 -0.63 -12.67 17.76
C ALA A 185 -1.92 -12.07 17.94
N VAL A 186 -2.16 -10.77 17.54
CA VAL A 186 -3.49 -10.27 17.68
C VAL A 186 -4.36 -10.75 16.50
N PHE A 187 -3.83 -10.81 15.26
CA PHE A 187 -4.63 -11.05 14.08
C PHE A 187 -4.58 -12.50 13.72
N THR A 188 -5.65 -12.99 13.19
CA THR A 188 -5.68 -14.35 12.69
C THR A 188 -4.91 -14.47 11.38
N ASP A 189 -4.65 -15.71 10.97
CA ASP A 189 -3.99 -15.90 9.66
C ASP A 189 -4.81 -15.34 8.52
N LEU A 190 -6.11 -15.51 8.60
CA LEU A 190 -6.92 -15.01 7.56
C LEU A 190 -6.96 -13.44 7.47
N GLU A 191 -6.92 -12.77 8.59
CA GLU A 191 -6.78 -11.36 8.64
C GLU A 191 -5.48 -10.87 8.05
N ILE A 192 -4.43 -11.57 8.37
CA ILE A 192 -3.10 -11.31 7.83
C ILE A 192 -3.08 -11.51 6.31
N LEU A 193 -3.62 -12.63 5.87
CA LEU A 193 -3.79 -12.85 4.43
C LEU A 193 -4.57 -11.71 3.78
N ALA A 194 -5.68 -11.31 4.36
CA ALA A 194 -6.56 -10.30 3.70
C ALA A 194 -5.79 -9.00 3.61
N ALA A 195 -5.09 -8.63 4.69
CA ALA A 195 -4.40 -7.31 4.69
C ALA A 195 -3.26 -7.26 3.61
N ILE A 196 -2.47 -8.30 3.52
CA ILE A 196 -1.40 -8.34 2.52
C ILE A 196 -1.92 -8.38 1.07
N PHE A 197 -2.97 -9.18 0.85
CA PHE A 197 -3.65 -9.25 -0.44
C PHE A 197 -4.20 -7.87 -0.78
N ALA A 198 -4.89 -7.27 0.16
CA ALA A 198 -5.40 -5.92 -0.06
C ALA A 198 -4.32 -4.89 -0.45
N ALA A 199 -3.23 -4.86 0.30
CA ALA A 199 -2.08 -4.07 -0.12
C ALA A 199 -1.63 -4.33 -1.57
N ALA A 200 -1.49 -5.60 -1.96
CA ALA A 200 -1.00 -5.97 -3.30
C ALA A 200 -1.95 -5.40 -4.40
N ILE A 201 -3.24 -5.55 -4.17
CA ILE A 201 -4.24 -5.22 -5.23
C ILE A 201 -4.66 -3.76 -5.22
N HIS A 202 -4.30 -2.98 -4.21
CA HIS A 202 -5.08 -1.78 -3.85
C HIS A 202 -5.02 -0.62 -4.88
N ASP A 203 -4.10 -0.64 -5.83
CA ASP A 203 -4.01 0.31 -6.90
C ASP A 203 -3.92 -0.30 -8.31
N VAL A 204 -4.34 -1.55 -8.45
CA VAL A 204 -4.17 -2.24 -9.70
C VAL A 204 -4.98 -1.59 -10.83
N ASP A 205 -4.34 -1.48 -11.97
CA ASP A 205 -4.90 -0.83 -13.17
C ASP A 205 -5.16 0.62 -13.02
N HIS A 206 -4.40 1.23 -12.14
CA HIS A 206 -4.49 2.73 -11.98
C HIS A 206 -4.04 3.43 -13.25
N PRO A 207 -4.86 4.34 -13.78
CA PRO A 207 -4.49 5.02 -15.04
C PRO A 207 -3.62 6.21 -14.87
N GLY A 208 -3.30 6.59 -13.69
CA GLY A 208 -2.40 7.71 -13.39
C GLY A 208 -3.08 9.08 -13.31
N VAL A 209 -4.43 9.10 -13.21
CA VAL A 209 -5.20 10.32 -12.94
C VAL A 209 -6.11 10.09 -11.74
N SER A 210 -6.53 11.17 -11.08
CA SER A 210 -7.37 11.11 -9.92
C SER A 210 -8.86 10.74 -10.23
N ASN A 211 -9.56 10.37 -9.20
CA ASN A 211 -11.07 10.19 -9.26
C ASN A 211 -11.66 11.44 -9.83
N GLN A 212 -11.25 12.60 -9.33
CA GLN A 212 -11.91 13.84 -9.79
C GLN A 212 -11.71 14.05 -11.32
N PHE A 213 -10.51 13.75 -11.80
CA PHE A 213 -10.27 13.85 -13.25
C PHE A 213 -11.16 12.91 -14.06
N LEU A 214 -11.31 11.67 -13.59
CA LEU A 214 -12.15 10.70 -14.27
C LEU A 214 -13.56 11.08 -14.26
N ILE A 215 -14.00 11.66 -13.15
CA ILE A 215 -15.34 12.17 -13.06
C ILE A 215 -15.58 13.34 -14.03
N ASN A 216 -14.73 14.31 -13.95
CA ASN A 216 -14.90 15.51 -14.80
C ASN A 216 -14.71 15.29 -16.27
N THR A 217 -14.00 14.27 -16.69
CA THR A 217 -13.89 14.00 -18.10
C THR A 217 -14.89 12.95 -18.57
N ASN A 218 -15.85 12.54 -17.73
CA ASN A 218 -16.91 11.64 -18.12
C ASN A 218 -16.35 10.35 -18.60
N SER A 219 -15.39 9.81 -17.89
CA SER A 219 -14.73 8.53 -18.30
C SER A 219 -15.60 7.34 -18.06
N GLU A 220 -15.26 6.23 -18.69
CA GLU A 220 -16.08 5.06 -18.55
C GLU A 220 -16.04 4.54 -17.20
N LEU A 221 -14.89 4.62 -16.54
CA LEU A 221 -14.85 4.15 -15.16
C LEU A 221 -15.80 4.94 -14.25
N ALA A 222 -15.83 6.26 -14.40
CA ALA A 222 -16.71 7.07 -13.61
C ALA A 222 -18.20 6.80 -13.93
N LEU A 223 -18.47 6.49 -15.16
CA LEU A 223 -19.78 6.11 -15.58
C LEU A 223 -20.14 4.74 -14.88
N MET A 224 -19.20 3.78 -14.83
CA MET A 224 -19.47 2.49 -14.26
C MET A 224 -19.81 2.56 -12.76
N TYR A 225 -19.06 3.39 -12.07
CA TYR A 225 -19.12 3.55 -10.62
C TYR A 225 -19.91 4.78 -10.03
N ASN A 226 -20.67 5.46 -10.86
CA ASN A 226 -21.52 6.59 -10.46
C ASN A 226 -20.80 7.60 -9.61
N ASP A 227 -19.57 7.90 -10.06
CA ASP A 227 -18.78 8.89 -9.42
C ASP A 227 -18.32 8.63 -8.01
N GLU A 228 -18.45 7.42 -7.51
CA GLU A 228 -18.17 7.20 -6.08
C GLU A 228 -16.98 6.22 -5.94
N SER A 229 -15.97 6.61 -5.22
CA SER A 229 -14.71 5.92 -5.06
C SER A 229 -14.38 5.18 -6.31
N VAL A 230 -14.26 5.92 -7.38
CA VAL A 230 -14.22 5.29 -8.70
C VAL A 230 -13.05 4.32 -8.83
N LEU A 231 -11.87 4.84 -8.58
CA LEU A 231 -10.72 3.99 -8.79
C LEU A 231 -10.66 2.85 -7.77
N GLU A 232 -10.97 3.17 -6.53
CA GLU A 232 -10.90 2.13 -5.49
C GLU A 232 -11.86 0.99 -5.73
N ASN A 233 -13.06 1.30 -6.13
CA ASN A 233 -13.92 0.22 -6.63
C ASN A 233 -13.36 -0.59 -7.77
N HIS A 234 -12.77 0.07 -8.72
CA HIS A 234 -12.13 -0.61 -9.89
C HIS A 234 -10.97 -1.51 -9.49
N HIS A 235 -10.14 -1.02 -8.58
CA HIS A 235 -8.96 -1.83 -8.12
C HIS A 235 -9.42 -3.16 -7.51
N LEU A 236 -10.43 -3.11 -6.63
CA LEU A 236 -11.05 -4.31 -6.05
C LEU A 236 -11.61 -5.24 -7.14
N ALA A 237 -12.37 -4.68 -8.07
CA ALA A 237 -12.95 -5.49 -9.10
C ALA A 237 -11.95 -6.25 -9.94
N VAL A 238 -10.90 -5.53 -10.36
CA VAL A 238 -9.84 -6.14 -11.11
C VAL A 238 -9.14 -7.24 -10.26
N GLY A 239 -8.77 -6.91 -9.03
CA GLY A 239 -8.07 -7.87 -8.22
C GLY A 239 -8.81 -9.15 -7.99
N PHE A 240 -10.11 -9.03 -7.73
CA PHE A 240 -10.94 -10.17 -7.59
C PHE A 240 -11.30 -10.90 -8.92
N LYS A 241 -11.47 -10.16 -10.03
CA LYS A 241 -11.76 -10.80 -11.35
C LYS A 241 -10.61 -11.68 -11.82
N LEU A 242 -9.38 -11.27 -11.45
CA LEU A 242 -8.16 -11.98 -11.92
C LEU A 242 -8.03 -13.39 -11.28
N LEU A 243 -8.69 -13.62 -10.13
CA LEU A 243 -8.77 -14.96 -9.56
C LEU A 243 -9.40 -16.02 -10.47
N GLN A 244 -10.12 -15.55 -11.48
CA GLN A 244 -10.86 -16.41 -12.42
C GLN A 244 -10.02 -16.80 -13.60
N GLU A 245 -8.90 -16.16 -13.84
CA GLU A 245 -8.03 -16.65 -14.95
C GLU A 245 -7.47 -18.00 -14.64
N GLU A 246 -7.03 -18.65 -15.68
CA GLU A 246 -6.60 -20.01 -15.56
C GLU A 246 -5.45 -20.16 -14.56
N HIS A 247 -5.62 -21.06 -13.58
CA HIS A 247 -4.69 -21.38 -12.49
C HIS A 247 -4.34 -20.21 -11.61
N CYS A 248 -5.28 -19.30 -11.37
CA CYS A 248 -5.02 -18.08 -10.63
C CYS A 248 -5.82 -18.08 -9.37
N ASP A 249 -6.55 -19.16 -9.06
CA ASP A 249 -7.43 -19.02 -7.92
C ASP A 249 -6.73 -19.32 -6.61
N ILE A 250 -6.07 -18.30 -6.04
CA ILE A 250 -5.34 -18.46 -4.78
C ILE A 250 -6.20 -18.70 -3.57
N PHE A 251 -7.53 -18.57 -3.70
CA PHE A 251 -8.37 -18.76 -2.54
C PHE A 251 -9.19 -20.02 -2.71
N MET A 252 -8.80 -20.88 -3.67
CA MET A 252 -9.62 -22.07 -3.98
C MET A 252 -9.75 -22.96 -2.78
N ASN A 253 -8.75 -23.08 -1.90
CA ASN A 253 -8.82 -24.06 -0.77
C ASN A 253 -9.19 -23.45 0.55
N LEU A 254 -9.67 -22.23 0.55
CA LEU A 254 -10.32 -21.70 1.76
C LEU A 254 -11.70 -22.25 1.86
N THR A 255 -12.29 -22.33 3.04
CA THR A 255 -13.72 -22.69 3.10
C THR A 255 -14.54 -21.53 2.56
N LYS A 256 -15.79 -21.79 2.32
CA LYS A 256 -16.70 -20.74 1.82
C LYS A 256 -16.79 -19.54 2.78
N LYS A 257 -16.84 -19.83 4.06
CA LYS A 257 -16.97 -18.80 5.03
C LYS A 257 -15.68 -17.97 5.19
N GLN A 258 -14.52 -18.61 5.10
CA GLN A 258 -13.27 -17.85 5.06
C GLN A 258 -13.24 -16.94 3.86
N ARG A 259 -13.68 -17.45 2.72
CA ARG A 259 -13.68 -16.63 1.55
C ARG A 259 -14.61 -15.40 1.69
N GLN A 260 -15.78 -15.62 2.23
CA GLN A 260 -16.72 -14.49 2.47
C GLN A 260 -16.15 -13.46 3.40
N THR A 261 -15.57 -13.93 4.52
CA THR A 261 -14.91 -13.07 5.44
C THR A 261 -13.71 -12.29 4.87
N LEU A 262 -12.85 -13.00 4.15
CA LEU A 262 -11.71 -12.31 3.56
C LEU A 262 -12.19 -11.29 2.55
N ARG A 263 -13.20 -11.67 1.72
CA ARG A 263 -13.73 -10.70 0.75
C ARG A 263 -14.25 -9.44 1.40
N LYS A 264 -15.03 -9.61 2.49
CA LYS A 264 -15.51 -8.44 3.23
C LYS A 264 -14.36 -7.51 3.77
N MET A 265 -13.33 -8.16 4.29
CA MET A 265 -12.19 -7.44 4.87
C MET A 265 -11.42 -6.65 3.80
N VAL A 266 -11.20 -7.30 2.65
CA VAL A 266 -10.44 -6.73 1.58
C VAL A 266 -11.18 -5.52 1.02
N ILE A 267 -12.47 -5.70 0.76
CA ILE A 267 -13.30 -4.58 0.25
C ILE A 267 -13.17 -3.36 1.17
N ASP A 268 -13.30 -3.65 2.49
CA ASP A 268 -13.24 -2.64 3.50
C ASP A 268 -11.86 -1.91 3.45
N MET A 269 -10.78 -2.67 3.40
CA MET A 269 -9.50 -2.07 3.40
C MET A 269 -9.14 -1.23 2.15
N VAL A 270 -9.49 -1.72 0.98
CA VAL A 270 -9.15 -1.03 -0.22
C VAL A 270 -10.02 0.21 -0.33
N LEU A 271 -11.30 0.12 -0.05
CA LEU A 271 -12.18 1.31 -0.14
C LEU A 271 -11.67 2.39 0.82
N ALA A 272 -11.13 1.97 1.97
CA ALA A 272 -10.56 2.86 2.96
C ALA A 272 -9.30 3.66 2.44
N THR A 273 -8.72 3.29 1.25
CA THR A 273 -7.57 3.93 0.77
C THR A 273 -7.91 5.26 0.03
N ASP A 274 -9.20 5.44 -0.24
CA ASP A 274 -9.76 6.67 -0.86
C ASP A 274 -9.46 7.80 0.14
N MET A 275 -8.74 8.81 -0.30
CA MET A 275 -8.44 9.96 0.55
C MET A 275 -9.64 10.68 1.07
N SER A 276 -10.84 10.56 0.45
CA SER A 276 -11.99 11.24 0.96
C SER A 276 -12.37 10.62 2.27
N LYS A 277 -11.91 9.44 2.65
CA LYS A 277 -12.25 8.81 3.87
C LYS A 277 -11.18 9.02 4.99
N HIS A 278 -10.08 9.65 4.63
CA HIS A 278 -8.92 9.80 5.54
C HIS A 278 -9.38 10.38 6.92
N MET A 279 -10.17 11.46 6.89
CA MET A 279 -10.54 12.09 8.20
C MET A 279 -11.36 11.11 9.05
N SER A 280 -12.20 10.22 8.44
CA SER A 280 -13.00 9.21 9.20
C SER A 280 -12.14 8.19 9.79
N LEU A 281 -11.21 7.68 8.99
CA LEU A 281 -10.25 6.67 9.52
C LEU A 281 -9.49 7.18 10.67
N LEU A 282 -9.02 8.43 10.54
CA LEU A 282 -8.22 9.04 11.60
C LEU A 282 -9.01 9.24 12.87
N ALA A 283 -10.25 9.75 12.76
CA ALA A 283 -11.13 9.86 13.96
C ALA A 283 -11.34 8.52 14.61
N ASP A 284 -11.60 7.46 13.86
CA ASP A 284 -11.75 6.15 14.48
C ASP A 284 -10.48 5.64 15.13
N LEU A 285 -9.33 5.87 14.49
CA LEU A 285 -8.03 5.51 15.08
C LEU A 285 -7.79 6.19 16.44
N LYS A 286 -8.09 7.49 16.52
CA LYS A 286 -7.99 8.28 17.76
C LYS A 286 -8.91 7.71 18.80
N THR A 287 -10.10 7.29 18.41
CA THR A 287 -10.90 6.69 19.48
C THR A 287 -10.37 5.34 19.96
N MET A 288 -9.79 4.57 19.08
CA MET A 288 -9.09 3.33 19.48
C MET A 288 -7.96 3.67 20.48
N VAL A 289 -7.20 4.72 20.21
CA VAL A 289 -6.14 5.13 21.12
C VAL A 289 -6.75 5.46 22.47
N GLU A 290 -7.79 6.25 22.48
CA GLU A 290 -8.35 6.69 23.77
C GLU A 290 -8.99 5.55 24.56
N THR A 291 -9.44 4.50 23.92
CA THR A 291 -10.04 3.46 24.62
C THR A 291 -9.10 2.17 24.71
N LYS A 292 -7.81 2.28 24.47
CA LYS A 292 -7.04 1.08 24.19
C LYS A 292 -6.89 0.28 25.48
N LYS A 293 -6.73 -1.02 25.35
CA LYS A 293 -6.54 -1.91 26.52
C LYS A 293 -5.32 -2.81 26.11
N VAL A 294 -4.44 -3.03 27.08
CA VAL A 294 -3.22 -3.75 26.93
C VAL A 294 -3.34 -5.02 27.73
N THR A 295 -2.93 -6.12 27.15
CA THR A 295 -2.92 -7.39 27.80
C THR A 295 -1.81 -7.49 28.87
N SER A 296 -1.84 -8.53 29.69
CA SER A 296 -0.76 -8.74 30.63
C SER A 296 0.52 -8.99 29.88
N SER A 297 0.43 -9.56 28.69
CA SER A 297 1.59 -9.84 27.88
C SER A 297 2.13 -8.65 27.15
N GLY A 298 1.49 -7.48 27.25
CA GLY A 298 1.91 -6.29 26.65
C GLY A 298 1.47 -6.08 25.19
N VAL A 299 0.44 -6.78 24.73
CA VAL A 299 -0.06 -6.58 23.41
C VAL A 299 -1.44 -5.81 23.50
N LEU A 300 -1.88 -5.31 22.39
CA LEU A 300 -3.19 -4.59 22.37
C LEU A 300 -4.31 -5.58 22.42
N LEU A 301 -5.34 -5.30 23.17
CA LEU A 301 -6.57 -6.22 23.25
C LEU A 301 -7.60 -5.70 22.28
N LEU A 302 -7.87 -6.45 21.23
CA LEU A 302 -8.83 -6.13 20.22
C LEU A 302 -9.82 -7.29 20.10
N ASP A 303 -10.88 -7.18 20.82
CA ASP A 303 -11.72 -8.39 21.06
C ASP A 303 -13.02 -8.40 20.26
N ASN A 304 -13.14 -7.63 19.19
CA ASN A 304 -14.19 -7.81 18.26
C ASN A 304 -13.65 -7.48 16.87
N TYR A 305 -14.38 -7.97 15.88
CA TYR A 305 -14.17 -7.75 14.48
C TYR A 305 -14.11 -6.26 14.13
N THR A 306 -15.05 -5.47 14.59
CA THR A 306 -15.04 -4.04 14.33
C THR A 306 -13.70 -3.34 14.74
N ASP A 307 -13.11 -3.76 15.85
CA ASP A 307 -11.89 -3.14 16.33
C ASP A 307 -10.75 -3.63 15.47
N ARG A 308 -10.82 -4.90 15.16
CA ARG A 308 -9.78 -5.48 14.33
C ARG A 308 -9.69 -4.93 12.95
N ILE A 309 -10.82 -4.83 12.24
CA ILE A 309 -10.79 -4.30 10.89
C ILE A 309 -10.46 -2.82 10.88
N GLN A 310 -10.81 -2.15 11.94
CA GLN A 310 -10.48 -0.74 11.99
C GLN A 310 -8.94 -0.53 12.10
N VAL A 311 -8.26 -1.34 12.91
CA VAL A 311 -6.82 -1.29 12.96
C VAL A 311 -6.22 -1.63 11.59
N LEU A 312 -6.67 -2.75 11.00
CA LEU A 312 -6.19 -3.20 9.73
C LEU A 312 -6.39 -2.16 8.63
N ARG A 313 -7.57 -1.57 8.56
CA ARG A 313 -7.75 -0.59 7.48
C ARG A 313 -6.86 0.64 7.68
N ASN A 314 -6.69 1.07 8.93
CA ASN A 314 -5.72 2.12 9.22
C ASN A 314 -4.33 1.69 8.94
N MET A 315 -4.00 0.42 9.21
CA MET A 315 -2.67 -0.05 8.84
C MET A 315 -2.28 -0.03 7.37
N VAL A 316 -3.19 -0.48 6.50
CA VAL A 316 -2.96 -0.45 5.07
C VAL A 316 -2.91 1.06 4.64
N HIS A 317 -3.79 1.88 5.24
CA HIS A 317 -3.75 3.39 4.98
C HIS A 317 -2.38 4.03 5.38
N CYS A 318 -1.89 3.72 6.54
CA CYS A 318 -0.57 4.05 6.93
C CYS A 318 0.53 3.60 5.94
N ALA A 319 0.47 2.34 5.50
CA ALA A 319 1.40 1.81 4.60
C ALA A 319 1.39 2.62 3.26
N ASP A 320 0.18 2.94 2.83
CA ASP A 320 -0.02 3.69 1.61
C ASP A 320 0.58 5.12 1.76
N LEU A 321 0.56 5.63 2.96
CA LEU A 321 1.06 6.96 3.27
C LEU A 321 2.40 6.86 4.04
N SER A 322 3.20 5.86 3.69
CA SER A 322 4.42 5.63 4.45
C SER A 322 5.67 6.19 3.76
N ASN A 323 5.59 6.71 2.55
CA ASN A 323 6.81 7.24 1.86
C ASN A 323 7.64 8.23 2.66
N PRO A 324 7.01 9.19 3.31
CA PRO A 324 7.77 10.17 4.06
C PRO A 324 8.43 9.72 5.33
N THR A 325 8.09 8.49 5.75
CA THR A 325 8.68 7.86 6.91
C THR A 325 9.84 6.91 6.63
N LYS A 326 10.23 6.73 5.38
CA LYS A 326 11.36 5.89 4.98
C LYS A 326 12.58 6.77 5.01
N SER A 327 13.74 6.18 4.77
CA SER A 327 14.94 6.87 4.56
C SER A 327 14.76 7.99 3.55
N LEU A 328 15.46 9.10 3.80
CA LEU A 328 15.40 10.25 2.90
C LEU A 328 15.72 9.88 1.43
N GLU A 329 16.69 9.00 1.22
CA GLU A 329 17.00 8.61 -0.14
C GLU A 329 15.82 7.89 -0.83
N LEU A 330 15.08 7.07 -0.09
CA LEU A 330 13.88 6.47 -0.62
C LEU A 330 12.70 7.46 -0.88
N TYR A 331 12.46 8.26 0.14
CA TYR A 331 11.44 9.26 0.11
C TYR A 331 11.56 10.21 -1.05
N ARG A 332 12.78 10.65 -1.32
CA ARG A 332 12.98 11.56 -2.44
C ARG A 332 12.65 10.97 -3.75
N GLN A 333 12.92 9.70 -3.92
CA GLN A 333 12.56 9.00 -5.17
C GLN A 333 11.03 8.87 -5.30
N TRP A 334 10.35 8.63 -4.20
CA TRP A 334 8.91 8.57 -4.25
C TRP A 334 8.26 9.91 -4.56
N THR A 335 8.81 10.96 -3.95
CA THR A 335 8.42 12.33 -4.27
C THR A 335 8.58 12.65 -5.78
N ASP A 336 9.77 12.38 -6.34
CA ASP A 336 9.95 12.61 -7.74
C ASP A 336 8.92 11.90 -8.63
N ARG A 337 8.54 10.71 -8.26
CA ARG A 337 7.59 9.94 -9.09
C ARG A 337 6.15 10.42 -8.95
N ILE A 338 5.71 10.76 -7.72
CA ILE A 338 4.36 11.29 -7.52
C ILE A 338 4.24 12.65 -8.22
N MET A 339 5.25 13.48 -8.18
CA MET A 339 5.13 14.74 -8.87
C MET A 339 5.14 14.55 -10.39
N GLU A 340 5.94 13.63 -10.89
CA GLU A 340 5.93 13.38 -12.34
C GLU A 340 4.50 12.92 -12.77
N GLU A 341 3.91 12.01 -12.01
CA GLU A 341 2.55 11.61 -12.26
C GLU A 341 1.50 12.79 -12.18
N PHE A 342 1.55 13.59 -11.11
CA PHE A 342 0.72 14.76 -11.00
C PHE A 342 0.83 15.72 -12.21
N PHE A 343 2.07 16.06 -12.57
CA PHE A 343 2.34 16.97 -13.67
C PHE A 343 1.81 16.41 -14.99
N GLN A 344 1.91 15.11 -15.19
CA GLN A 344 1.25 14.56 -16.39
C GLN A 344 -0.23 14.69 -16.38
N GLN A 345 -0.86 14.54 -15.21
CA GLN A 345 -2.31 14.80 -15.18
C GLN A 345 -2.53 16.29 -15.48
N GLY A 346 -1.74 17.19 -14.88
CA GLY A 346 -1.85 18.63 -15.13
C GLY A 346 -1.71 19.00 -16.58
N ASP A 347 -0.83 18.35 -17.29
CA ASP A 347 -0.73 18.52 -18.71
C ASP A 347 -1.99 18.17 -19.53
N LYS A 348 -2.61 17.05 -19.20
CA LYS A 348 -3.93 16.63 -19.77
C LYS A 348 -5.06 17.60 -19.42
N GLU A 349 -5.03 18.10 -18.19
CA GLU A 349 -6.00 19.11 -17.77
C GLU A 349 -5.79 20.37 -18.57
N ARG A 350 -4.55 20.86 -18.62
CA ARG A 350 -4.23 22.04 -19.44
C ARG A 350 -4.67 21.86 -20.93
N GLU A 351 -4.32 20.78 -21.58
CA GLU A 351 -4.78 20.59 -22.98
C GLU A 351 -6.26 20.59 -23.16
N ARG A 352 -7.00 20.08 -22.19
CA ARG A 352 -8.46 20.05 -22.31
C ARG A 352 -9.11 21.35 -21.92
N GLY A 353 -8.33 22.32 -21.45
CA GLY A 353 -8.89 23.57 -21.03
C GLY A 353 -9.48 23.53 -19.63
N MET A 354 -9.10 22.56 -18.78
CA MET A 354 -9.66 22.51 -17.46
C MET A 354 -8.84 23.24 -16.45
N GLU A 355 -9.41 23.49 -15.27
CA GLU A 355 -8.64 24.01 -14.21
C GLU A 355 -7.64 22.89 -13.79
N ILE A 356 -6.44 23.28 -13.44
CA ILE A 356 -5.41 22.30 -13.10
C ILE A 356 -5.49 21.95 -11.67
N SER A 357 -5.44 20.68 -11.32
CA SER A 357 -5.65 20.25 -10.03
C SER A 357 -4.41 20.68 -9.12
N PRO A 358 -4.66 20.84 -7.81
CA PRO A 358 -3.58 21.21 -6.91
C PRO A 358 -2.35 20.24 -7.05
N MET A 359 -1.17 20.81 -7.00
CA MET A 359 0.14 20.13 -7.17
C MET A 359 0.35 19.59 -8.62
N CYS A 360 -0.54 19.85 -9.60
CA CYS A 360 -0.42 19.19 -10.92
C CYS A 360 0.10 20.19 -11.93
N ASP A 361 0.28 21.45 -11.55
CA ASP A 361 0.78 22.38 -12.56
C ASP A 361 2.30 22.52 -12.38
N LYS A 362 3.04 21.95 -13.33
CA LYS A 362 4.48 22.05 -13.26
C LYS A 362 4.98 23.47 -13.34
N HIS A 363 4.25 24.43 -13.91
CA HIS A 363 4.76 25.83 -13.96
C HIS A 363 4.66 26.51 -12.64
N THR A 364 3.93 26.01 -11.66
CA THR A 364 3.76 26.74 -10.45
C THR A 364 3.91 25.94 -9.23
N ALA A 365 3.93 24.64 -9.29
CA ALA A 365 3.93 23.89 -8.03
C ALA A 365 5.25 24.01 -7.26
N SER A 366 5.22 23.96 -5.92
CA SER A 366 6.45 23.84 -5.12
C SER A 366 6.49 22.50 -4.54
N VAL A 367 7.37 21.67 -5.02
CA VAL A 367 7.50 20.32 -4.44
C VAL A 367 7.69 20.36 -2.98
N GLU A 368 8.57 21.24 -2.49
CA GLU A 368 8.93 21.25 -1.09
C GLU A 368 7.77 21.71 -0.17
N LYS A 369 7.15 22.85 -0.48
CA LYS A 369 5.94 23.25 0.26
C LYS A 369 4.83 22.23 0.26
N SER A 370 4.68 21.50 -0.83
CA SER A 370 3.72 20.51 -0.99
C SER A 370 4.03 19.29 -0.14
N GLN A 371 5.27 18.83 -0.08
CA GLN A 371 5.60 17.69 0.82
C GLN A 371 5.40 18.14 2.30
N VAL A 372 5.79 19.36 2.64
CA VAL A 372 5.74 19.73 4.05
C VAL A 372 4.23 19.91 4.41
N GLY A 373 3.44 20.51 3.56
CA GLY A 373 1.98 20.60 3.81
C GLY A 373 1.33 19.25 4.02
N PHE A 374 1.64 18.32 3.11
CA PHE A 374 1.13 16.96 3.10
C PHE A 374 1.51 16.29 4.41
N ILE A 375 2.74 16.52 4.89
CA ILE A 375 3.12 15.83 6.12
C ILE A 375 2.36 16.48 7.30
N ASP A 376 2.32 17.82 7.31
CA ASP A 376 1.80 18.54 8.46
C ASP A 376 0.31 18.25 8.66
N TYR A 377 -0.42 18.17 7.56
CA TYR A 377 -1.88 18.04 7.60
C TYR A 377 -2.35 16.61 7.48
N ILE A 378 -1.61 15.70 6.93
CA ILE A 378 -2.15 14.31 6.68
C ILE A 378 -1.23 13.22 7.25
N VAL A 379 0.00 13.20 6.82
CA VAL A 379 0.89 12.12 7.18
C VAL A 379 1.30 12.13 8.66
N HIS A 380 1.72 13.28 9.22
CA HIS A 380 2.06 13.26 10.66
C HIS A 380 0.91 13.04 11.63
N PRO A 381 -0.25 13.68 11.39
CA PRO A 381 -1.33 13.35 12.33
C PRO A 381 -1.70 11.87 12.28
N LEU A 382 -1.64 11.22 11.10
CA LEU A 382 -1.93 9.83 11.08
C LEU A 382 -0.88 9.00 11.81
N TRP A 383 0.38 9.24 11.52
CA TRP A 383 1.44 8.37 12.09
C TRP A 383 1.62 8.66 13.57
N GLU A 384 1.32 9.91 13.99
CA GLU A 384 1.35 10.20 15.39
C GLU A 384 0.32 9.43 16.19
N THR A 385 -0.83 9.29 15.60
CA THR A 385 -1.93 8.56 16.20
C THR A 385 -1.61 7.09 16.17
N TRP A 386 -1.16 6.58 15.03
CA TRP A 386 -0.62 5.17 14.94
C TRP A 386 0.45 4.93 16.07
N ALA A 387 1.42 5.82 16.14
CA ALA A 387 2.47 5.74 17.25
C ALA A 387 1.88 5.67 18.65
N ASP A 388 0.84 6.48 18.90
CA ASP A 388 0.17 6.47 20.22
C ASP A 388 -0.51 5.11 20.47
N LEU A 389 -1.07 4.53 19.44
CA LEU A 389 -1.75 3.26 19.60
C LEU A 389 -0.73 2.15 19.97
N VAL A 390 0.41 2.11 19.27
CA VAL A 390 1.38 0.98 19.56
C VAL A 390 2.53 1.42 20.41
N GLN A 391 2.40 2.62 21.03
CA GLN A 391 3.42 3.25 21.85
C GLN A 391 4.25 2.25 22.68
N PRO A 392 5.60 2.30 22.60
CA PRO A 392 6.47 3.15 21.79
C PRO A 392 6.98 2.52 20.47
N ASP A 393 6.29 1.50 19.94
CA ASP A 393 6.82 0.63 18.92
C ASP A 393 7.01 1.29 17.58
N ALA A 394 6.40 2.47 17.35
CA ALA A 394 6.65 3.20 16.09
C ALA A 394 7.47 4.45 16.26
N GLN A 395 8.14 4.57 17.39
CA GLN A 395 8.91 5.77 17.74
C GLN A 395 9.93 6.08 16.64
N ASP A 396 10.64 5.06 16.14
CA ASP A 396 11.65 5.37 15.11
C ASP A 396 11.06 5.80 13.76
N ILE A 397 9.93 5.23 13.38
CA ILE A 397 9.18 5.73 12.22
C ILE A 397 8.77 7.23 12.36
N LEU A 398 8.22 7.58 13.49
CA LEU A 398 7.81 8.93 13.77
C LEU A 398 9.03 9.91 13.75
N ASP A 399 10.16 9.50 14.31
CA ASP A 399 11.39 10.32 14.38
C ASP A 399 11.93 10.59 12.94
N THR A 400 11.95 9.53 12.10
CA THR A 400 12.37 9.69 10.70
C THR A 400 11.38 10.61 9.94
N LEU A 401 10.08 10.44 10.14
CA LEU A 401 9.13 11.38 9.48
C LEU A 401 9.48 12.80 9.80
N GLU A 402 9.68 13.06 11.06
CA GLU A 402 9.92 14.42 11.55
C GLU A 402 11.24 14.98 10.99
N ASP A 403 12.31 14.16 10.95
CA ASP A 403 13.57 14.58 10.30
C ASP A 403 13.38 14.87 8.85
N ASN A 404 12.64 14.01 8.14
CA ASN A 404 12.40 14.27 6.69
C ASN A 404 11.55 15.49 6.41
N ARG A 405 10.53 15.70 7.23
CA ARG A 405 9.75 16.92 7.18
C ARG A 405 10.61 18.19 7.31
N ASN A 406 11.52 18.23 8.31
CA ASN A 406 12.41 19.30 8.50
C ASN A 406 13.43 19.45 7.37
N TRP A 407 13.86 18.36 6.77
CA TRP A 407 14.71 18.51 5.62
C TRP A 407 13.97 19.21 4.45
N TYR A 408 12.79 18.73 4.10
CA TYR A 408 12.05 19.42 3.04
C TYR A 408 11.73 20.88 3.39
N GLN A 409 11.32 21.11 4.61
CA GLN A 409 11.12 22.51 5.08
C GLN A 409 12.33 23.39 4.87
N SER A 410 13.50 22.87 5.21
CA SER A 410 14.67 23.67 5.03
C SER A 410 14.96 23.90 3.53
N MET A 411 14.43 23.09 2.60
CA MET A 411 14.62 23.27 1.18
C MET A 411 13.58 24.25 0.55
N ILE A 412 12.71 24.90 1.35
CA ILE A 412 11.69 25.80 0.75
C ILE A 412 12.42 27.07 0.42
N PRO A 413 12.37 27.52 -0.84
CA PRO A 413 13.06 28.77 -1.15
C PRO A 413 12.64 29.98 -0.26
N GLN A 414 13.64 30.82 0.03
CA GLN A 414 13.64 32.25 0.54
C GLN A 414 14.02 32.51 1.99
#